data_7HJX
#
_entry.id   7HJX
#
_cell.length_a   26.014
_cell.length_b   47.052
_cell.length_c   46.543
_cell.angle_alpha   90.000
_cell.angle_beta   102.990
_cell.angle_gamma   90.000
#
_symmetry.space_group_name_H-M   'P 1 21 1'
#
loop_
_entity.id
_entity.type
_entity.pdbx_description
1 polymer 'De novo designed ABLE protein'
2 non-polymer 4-(1H-IMIDAZOL-1-YL)PHENOL
3 water water
#
_entity_poly.entity_id   1
_entity_poly.type   'polypeptide(L)'
_entity_poly.pdbx_seq_one_letter_code
;SVKSEYAEAAAVGQEAVAVFNTMKAAFQNGDKEAVAQYLARLASLYTRHEELLNRILEKARREGNKEAVTLMNEFTATFQ
TGKSIFNAMVAAFKNGDDDSFESYLQALEKVTAKGETLADQIAKAL
;
_entity_poly.pdbx_strand_id   A
#
loop_
_chem_comp.id
_chem_comp.type
_chem_comp.name
_chem_comp.formula
MSR non-polymer 4-(1H-IMIDAZOL-1-YL)PHENOL 'C9 H8 N2 O'
#
# COMPACT_ATOMS: atom_id res chain seq x y z
N SER A 1 8.34 20.64 0.01
N SER A 1 8.08 20.98 -0.48
CA SER A 1 6.94 21.01 0.30
CA SER A 1 6.79 21.16 0.24
C SER A 1 6.18 19.74 0.61
C SER A 1 6.16 19.82 0.56
N VAL A 2 5.05 19.87 1.32
CA VAL A 2 4.28 18.66 1.59
C VAL A 2 3.79 18.05 0.28
N LYS A 3 3.57 18.89 -0.74
N LYS A 3 3.53 18.89 -0.73
CA LYS A 3 3.13 18.37 -2.04
CA LYS A 3 3.05 18.39 -2.01
C LYS A 3 4.22 17.53 -2.70
C LYS A 3 4.12 17.58 -2.73
N SER A 4 5.47 18.00 -2.68
N SER A 4 5.39 18.02 -2.66
CA SER A 4 6.55 17.20 -3.25
CA SER A 4 6.46 17.22 -3.25
C SER A 4 6.85 15.96 -2.42
C SER A 4 6.71 15.94 -2.44
N GLU A 5 6.57 16.02 -1.12
CA GLU A 5 6.70 14.83 -0.30
C GLU A 5 5.61 13.83 -0.65
N TYR A 6 4.41 14.29 -1.00
CA TYR A 6 3.37 13.36 -1.39
C TYR A 6 3.69 12.72 -2.75
N ALA A 7 4.27 13.47 -3.67
CA ALA A 7 4.68 12.87 -4.96
C ALA A 7 5.75 11.79 -4.76
N GLU A 8 6.66 12.04 -3.82
N GLU A 8 6.66 12.03 -3.81
CA GLU A 8 7.66 11.03 -3.48
CA GLU A 8 7.67 11.04 -3.46
C GLU A 8 6.99 9.79 -2.89
C GLU A 8 7.03 9.79 -2.84
N ALA A 9 6.00 10.00 -2.03
CA ALA A 9 5.26 8.88 -1.46
C ALA A 9 4.46 8.16 -2.53
N ALA A 10 3.85 8.90 -3.47
CA ALA A 10 3.10 8.26 -4.55
C ALA A 10 4.00 7.38 -5.40
N ALA A 11 5.25 7.80 -5.64
CA ALA A 11 6.14 6.96 -6.42
C ALA A 11 6.47 5.67 -5.69
N VAL A 12 6.70 5.74 -4.38
CA VAL A 12 6.94 4.51 -3.61
C VAL A 12 5.72 3.59 -3.71
N GLY A 13 4.52 4.16 -3.63
CA GLY A 13 3.33 3.35 -3.83
C GLY A 13 3.30 2.67 -5.20
N GLN A 14 3.72 3.38 -6.25
CA GLN A 14 3.73 2.77 -7.58
C GLN A 14 4.82 1.72 -7.72
N GLU A 15 5.93 1.87 -7.00
CA GLU A 15 6.94 0.82 -6.96
C GLU A 15 6.37 -0.48 -6.37
N ALA A 16 5.57 -0.35 -5.32
CA ALA A 16 4.94 -1.53 -4.76
C ALA A 16 3.94 -2.15 -5.72
N VAL A 17 3.19 -1.33 -6.47
CA VAL A 17 2.31 -1.90 -7.49
C VAL A 17 3.11 -2.73 -8.48
N ALA A 18 4.24 -2.18 -8.94
CA ALA A 18 5.03 -2.91 -9.92
C ALA A 18 5.53 -4.24 -9.37
N VAL A 19 6.12 -4.20 -8.19
CA VAL A 19 6.65 -5.43 -7.58
C VAL A 19 5.51 -6.41 -7.30
N PHE A 20 4.36 -5.90 -6.88
CA PHE A 20 3.23 -6.79 -6.60
C PHE A 20 2.80 -7.55 -7.86
N ASN A 21 2.79 -6.86 -9.00
N ASN A 21 2.69 -6.84 -8.98
CA ASN A 21 2.38 -7.53 -10.23
CA ASN A 21 2.29 -7.51 -10.21
C ASN A 21 3.39 -8.61 -10.64
C ASN A 21 3.37 -8.47 -10.68
N THR A 22 4.69 -8.34 -10.53
N THR A 22 4.64 -8.18 -10.40
CA THR A 22 5.66 -9.40 -10.81
CA THR A 22 5.70 -9.13 -10.67
C THR A 22 5.50 -10.56 -9.83
C THR A 22 5.58 -10.37 -9.79
N MET A 23 5.24 -10.25 -8.55
N MET A 23 5.20 -10.18 -8.53
CA MET A 23 5.02 -11.27 -7.54
CA MET A 23 5.03 -11.28 -7.60
C MET A 23 3.81 -12.14 -7.89
C MET A 23 3.83 -12.15 -7.98
N LYS A 24 2.72 -11.52 -8.36
CA LYS A 24 1.54 -12.28 -8.75
C LYS A 24 1.86 -13.24 -9.89
N ALA A 25 2.63 -12.79 -10.87
CA ALA A 25 3.07 -13.68 -11.95
C ALA A 25 3.90 -14.83 -11.42
N ALA A 26 4.82 -14.55 -10.51
CA ALA A 26 5.65 -15.60 -9.94
C ALA A 26 4.83 -16.62 -9.17
N PHE A 27 3.86 -16.15 -8.36
CA PHE A 27 2.94 -17.03 -7.66
C PHE A 27 2.22 -17.93 -8.65
N GLN A 28 1.66 -17.35 -9.71
CA GLN A 28 0.94 -18.18 -10.67
C GLN A 28 1.85 -19.22 -11.28
N ASN A 29 3.10 -18.85 -11.56
CA ASN A 29 4.04 -19.80 -12.16
C ASN A 29 4.63 -20.81 -11.17
N GLY A 30 4.39 -20.66 -9.87
CA GLY A 30 4.91 -21.59 -8.90
C GLY A 30 6.35 -21.35 -8.49
N ASP A 31 6.91 -20.17 -8.80
CA ASP A 31 8.29 -19.79 -8.46
C ASP A 31 8.28 -19.23 -7.05
N LYS A 32 8.23 -20.14 -6.07
N LYS A 32 8.30 -20.14 -6.07
CA LYS A 32 8.03 -19.74 -4.69
CA LYS A 32 8.17 -19.73 -4.68
C LYS A 32 9.24 -19.02 -4.14
C LYS A 32 9.42 -19.01 -4.19
N GLU A 33 10.43 -19.33 -4.65
N GLU A 33 10.59 -19.36 -4.72
CA GLU A 33 11.63 -18.61 -4.24
CA GLU A 33 11.80 -18.63 -4.33
C GLU A 33 11.55 -17.14 -4.62
C GLU A 33 11.69 -17.15 -4.69
N ALA A 34 11.08 -16.85 -5.84
CA ALA A 34 10.89 -15.46 -6.23
C ALA A 34 9.81 -14.81 -5.38
N VAL A 35 8.69 -15.51 -5.18
CA VAL A 35 7.61 -14.95 -4.37
C VAL A 35 8.15 -14.50 -3.01
N ALA A 36 8.92 -15.37 -2.35
CA ALA A 36 9.43 -14.99 -1.03
C ALA A 36 10.25 -13.71 -1.09
N GLN A 37 11.11 -13.57 -2.09
CA GLN A 37 11.89 -12.34 -2.19
C GLN A 37 11.00 -11.12 -2.47
N TYR A 38 10.04 -11.26 -3.38
CA TYR A 38 9.13 -10.14 -3.67
C TYR A 38 8.34 -9.75 -2.43
N LEU A 39 7.90 -10.71 -1.62
CA LEU A 39 7.16 -10.37 -0.40
C LEU A 39 8.02 -9.60 0.58
N ALA A 40 9.30 -9.96 0.71
CA ALA A 40 10.20 -9.18 1.53
C ALA A 40 10.36 -7.77 1.00
N ARG A 41 10.54 -7.65 -0.32
CA ARG A 41 10.66 -6.33 -0.93
C ARG A 41 9.39 -5.50 -0.73
N LEU A 42 8.22 -6.13 -0.86
CA LEU A 42 6.97 -5.42 -0.66
C LEU A 42 6.81 -4.97 0.79
N ALA A 43 7.20 -5.81 1.76
N ALA A 43 7.25 -5.78 1.76
CA ALA A 43 7.07 -5.38 3.15
CA ALA A 43 7.18 -5.34 3.15
C ALA A 43 7.88 -4.11 3.41
C ALA A 43 8.03 -4.11 3.39
N SER A 44 9.08 -4.03 2.83
N SER A 44 9.23 -4.07 2.83
N SER A 44 9.19 -4.10 3.01
CA SER A 44 9.90 -2.83 2.99
CA SER A 44 10.10 -2.91 2.99
CA SER A 44 10.07 -2.94 3.05
C SER A 44 9.26 -1.61 2.34
C SER A 44 9.49 -1.68 2.33
C SER A 44 9.38 -1.73 2.42
N LEU A 45 8.68 -1.79 1.15
N LEU A 45 9.01 -1.84 1.09
N LEU A 45 8.94 -1.89 1.17
CA LEU A 45 8.03 -0.67 0.46
CA LEU A 45 8.45 -0.71 0.36
CA LEU A 45 8.29 -0.80 0.46
C LEU A 45 6.82 -0.17 1.24
C LEU A 45 7.23 -0.14 1.06
C LEU A 45 7.00 -0.37 1.16
N TYR A 46 5.97 -1.09 1.72
N TYR A 46 6.29 -1.02 1.45
N TYR A 46 6.30 -1.33 1.81
CA TYR A 46 4.80 -0.67 2.48
CA TYR A 46 5.10 -0.56 2.16
CA TYR A 46 5.13 -0.96 2.59
C TYR A 46 5.21 0.02 3.78
C TYR A 46 5.45 0.09 3.49
C TYR A 46 5.52 -0.11 3.79
N THR A 47 6.21 -0.52 4.48
N THR A 47 6.51 -0.37 4.16
N THR A 47 6.69 -0.37 4.38
CA THR A 47 6.67 0.14 5.69
CA THR A 47 6.92 0.25 5.41
CA THR A 47 7.09 0.34 5.59
C THR A 47 7.16 1.55 5.38
C THR A 47 7.34 1.70 5.19
C THR A 47 7.48 1.78 5.28
N ARG A 48 7.85 1.71 4.24
N ARG A 48 8.25 1.93 4.25
N ARG A 48 8.34 1.98 4.29
CA ARG A 48 8.33 3.04 3.82
CA ARG A 48 8.65 3.30 3.93
CA ARG A 48 8.75 3.32 3.89
C ARG A 48 7.16 3.95 3.41
C ARG A 48 7.41 4.15 3.63
C ARG A 48 7.53 4.06 3.35
N HIS A 49 6.20 3.42 2.65
N HIS A 49 6.52 3.65 2.77
CA HIS A 49 5.06 4.21 2.22
CA HIS A 49 5.33 4.41 2.42
C HIS A 49 4.27 4.73 3.42
C HIS A 49 4.48 4.71 3.66
N GLU A 50 3.99 3.84 4.38
N GLU A 50 4.41 3.76 4.59
CA GLU A 50 3.23 4.21 5.56
CA GLU A 50 3.62 3.96 5.79
C GLU A 50 3.93 5.34 6.32
C GLU A 50 4.17 5.12 6.62
N GLU A 51 5.25 5.28 6.43
N GLU A 51 5.49 5.14 6.82
CA GLU A 51 5.97 6.31 7.18
CA GLU A 51 6.09 6.24 7.56
C GLU A 51 5.89 7.66 6.46
C GLU A 51 5.91 7.55 6.81
N LEU A 52 5.99 7.67 5.13
N LEU A 52 6.10 7.55 5.49
CA LEU A 52 5.85 8.92 4.39
CA LEU A 52 6.01 8.78 4.71
C LEU A 52 4.43 9.47 4.49
C LEU A 52 4.60 9.36 4.78
N LEU A 53 3.44 8.58 4.52
N LEU A 53 3.58 8.51 4.60
CA LEU A 53 2.06 9.03 4.66
CA LEU A 53 2.21 8.99 4.66
C LEU A 53 1.81 9.61 6.05
C LEU A 53 1.92 9.63 6.01
N ASN A 54 2.42 9.04 7.10
CA ASN A 54 2.20 9.59 8.43
C ASN A 54 2.83 10.97 8.54
N ARG A 55 4.03 11.12 7.99
CA ARG A 55 4.70 12.42 8.04
C ARG A 55 3.89 13.48 7.29
N ILE A 56 3.28 13.10 6.17
CA ILE A 56 2.47 14.02 5.37
C ILE A 56 1.21 14.42 6.14
N LEU A 57 0.53 13.42 6.75
CA LEU A 57 -0.67 13.73 7.52
C LEU A 57 -0.34 14.66 8.68
N GLU A 58 0.74 14.37 9.41
CA GLU A 58 1.12 15.23 10.53
C GLU A 58 1.44 16.65 10.07
N LYS A 59 2.06 16.79 8.90
CA LYS A 59 2.39 18.11 8.39
C LYS A 59 1.13 18.87 7.99
N ALA A 60 0.22 18.20 7.29
CA ALA A 60 -1.04 18.83 6.94
C ALA A 60 -1.79 19.30 8.18
N ARG A 61 -1.72 18.51 9.26
CA ARG A 61 -2.34 18.93 10.53
C ARG A 61 -1.67 20.18 11.09
N ARG A 62 -0.32 20.21 11.09
CA ARG A 62 0.38 21.37 11.62
C ARG A 62 0.11 22.62 10.77
N GLU A 63 -0.14 22.42 9.47
CA GLU A 63 -0.48 23.50 8.54
C GLU A 63 -1.93 23.95 8.65
N GLY A 64 -2.78 23.19 9.34
CA GLY A 64 -4.18 23.56 9.42
C GLY A 64 -4.96 23.30 8.14
N ASN A 65 -4.50 22.39 7.29
CA ASN A 65 -5.14 22.13 6.00
C ASN A 65 -6.24 21.11 6.21
N LYS A 66 -7.39 21.61 6.68
CA LYS A 66 -8.46 20.70 7.14
C LYS A 66 -8.89 19.72 6.06
N GLU A 67 -9.07 20.17 4.81
CA GLU A 67 -9.50 19.25 3.77
C GLU A 67 -8.46 18.19 3.52
N ALA A 68 -7.19 18.56 3.49
CA ALA A 68 -6.19 17.53 3.25
C ALA A 68 -6.10 16.55 4.41
N VAL A 69 -6.30 17.03 5.65
CA VAL A 69 -6.30 16.13 6.80
C VAL A 69 -7.44 15.13 6.69
N THR A 70 -8.65 15.61 6.34
CA THR A 70 -9.78 14.70 6.18
C THR A 70 -9.45 13.58 5.20
N LEU A 71 -8.98 13.97 4.01
CA LEU A 71 -8.68 13.00 2.97
C LEU A 71 -7.58 12.03 3.41
N MET A 72 -6.55 12.54 4.06
CA MET A 72 -5.45 11.70 4.50
C MET A 72 -5.87 10.77 5.63
N ASN A 73 -6.74 11.24 6.55
CA ASN A 73 -7.28 10.31 7.53
C ASN A 73 -8.04 9.17 6.86
N GLU A 74 -8.87 9.46 5.85
CA GLU A 74 -9.56 8.39 5.14
C GLU A 74 -8.58 7.48 4.42
N PHE A 75 -7.56 8.06 3.80
N PHE A 75 -7.57 8.04 3.76
CA PHE A 75 -6.63 7.32 2.97
CA PHE A 75 -6.68 7.17 3.00
C PHE A 75 -5.72 6.42 3.82
C PHE A 75 -5.83 6.31 3.91
N THR A 76 -5.25 6.91 4.96
N THR A 76 -5.27 6.88 4.98
CA THR A 76 -4.46 6.09 5.85
CA THR A 76 -4.44 6.08 5.89
C THR A 76 -5.27 4.91 6.39
C THR A 76 -5.26 5.08 6.70
N ALA A 77 -6.56 5.13 6.65
N ALA A 77 -6.56 5.29 6.85
CA ALA A 77 -7.40 4.03 7.10
CA ALA A 77 -7.41 4.25 7.37
C ALA A 77 -7.51 2.94 6.03
C ALA A 77 -7.40 3.05 6.43
N THR A 78 -7.65 3.34 4.76
N THR A 78 -7.69 3.30 5.14
CA THR A 78 -7.70 2.34 3.69
CA THR A 78 -7.68 2.24 4.15
C THR A 78 -6.36 1.65 3.50
C THR A 78 -6.28 1.62 4.02
N PHE A 79 -5.26 2.40 3.62
N PHE A 79 -5.22 2.41 4.29
CA PHE A 79 -3.93 1.79 3.57
CA PHE A 79 -3.87 1.85 4.26
C PHE A 79 -3.81 0.66 4.60
C PHE A 79 -3.70 0.74 5.28
N GLN A 80 -4.31 0.90 5.82
N GLN A 80 -4.33 0.88 6.45
CA GLN A 80 -4.23 -0.13 6.85
CA GLN A 80 -4.26 -0.16 7.48
C GLN A 80 -5.08 -1.36 6.50
C GLN A 80 -5.07 -1.39 7.09
N THR A 81 -6.23 -1.18 5.83
N THR A 81 -6.11 -1.22 6.26
CA THR A 81 -6.95 -2.34 5.30
CA THR A 81 -6.84 -2.39 5.77
C THR A 81 -6.06 -3.15 4.36
C THR A 81 -5.97 -3.21 4.81
N GLY A 82 -5.36 -2.46 3.47
N GLY A 82 -5.33 -2.52 3.86
CA GLY A 82 -4.45 -3.13 2.56
CA GLY A 82 -4.36 -3.20 3.02
C GLY A 82 -3.32 -3.82 3.30
C GLY A 82 -3.30 -3.89 3.85
N LYS A 83 -2.76 -3.16 4.31
N LYS A 83 -2.84 -3.23 4.92
CA LYS A 83 -1.66 -3.75 5.07
CA LYS A 83 -1.81 -3.80 5.77
C LYS A 83 -2.10 -5.02 5.79
C LYS A 83 -2.26 -5.14 6.36
N SER A 84 -3.28 -5.00 6.40
N SER A 84 -3.47 -5.18 6.93
CA SER A 84 -3.80 -6.20 7.08
CA SER A 84 -3.95 -6.43 7.52
C SER A 84 -3.98 -7.34 6.09
C SER A 84 -4.08 -7.52 6.47
N ILE A 85 -4.52 -7.04 4.90
N ILE A 85 -4.63 -7.18 5.30
CA ILE A 85 -4.68 -8.07 3.89
CA ILE A 85 -4.80 -8.19 4.27
C ILE A 85 -3.32 -8.60 3.43
C ILE A 85 -3.45 -8.65 3.73
N PHE A 86 -2.36 -7.70 3.22
N PHE A 86 -2.53 -7.70 3.51
CA PHE A 86 -1.01 -8.12 2.85
CA PHE A 86 -1.19 -8.08 3.07
C PHE A 86 -0.42 -9.06 3.88
C PHE A 86 -0.51 -9.01 4.06
N ASN A 87 -0.45 -8.67 5.16
N ASN A 87 -0.65 -8.73 5.36
CA ASN A 87 0.17 -9.49 6.18
CA ASN A 87 -0.09 -9.63 6.35
C ASN A 87 -0.50 -10.86 6.27
C ASN A 87 -0.71 -11.02 6.23
N ALA A 88 -1.80 -10.92 6.02
N ALA A 88 -2.04 -11.09 6.10
CA ALA A 88 -2.49 -12.21 5.96
CA ALA A 88 -2.69 -12.38 5.98
C ALA A 88 -2.01 -13.02 4.76
C ALA A 88 -2.26 -13.12 4.71
N MET A 89 -1.84 -12.37 3.62
N MET A 89 -1.85 -12.39 3.69
CA MET A 89 -1.27 -13.00 2.44
CA MET A 89 -1.29 -13.00 2.50
C MET A 89 0.09 -13.61 2.75
C MET A 89 0.07 -13.62 2.78
N VAL A 90 0.94 -12.87 3.44
CA VAL A 90 2.26 -13.37 3.81
C VAL A 90 2.12 -14.60 4.70
N ALA A 91 1.17 -14.61 5.61
CA ALA A 91 0.97 -15.78 6.47
C ALA A 91 0.51 -16.98 5.66
N ALA A 92 -0.38 -16.75 4.67
CA ALA A 92 -0.83 -17.82 3.82
C ALA A 92 0.29 -18.41 2.99
N PHE A 93 1.25 -17.58 2.59
CA PHE A 93 2.42 -18.10 1.89
C PHE A 93 3.27 -18.97 2.80
N LYS A 94 3.56 -18.48 4.02
N LYS A 94 3.53 -18.49 4.03
CA LYS A 94 4.28 -19.27 5.01
CA LYS A 94 4.28 -19.27 5.01
C LYS A 94 3.61 -20.62 5.24
C LYS A 94 3.61 -20.59 5.32
N ASN A 95 2.28 -20.62 5.36
CA ASN A 95 1.52 -21.82 5.69
C ASN A 95 1.31 -22.76 4.49
N GLY A 96 1.66 -22.33 3.27
CA GLY A 96 1.38 -23.12 2.09
C GLY A 96 -0.10 -23.17 1.70
N ASP A 97 -0.88 -22.18 2.07
CA ASP A 97 -2.31 -22.15 1.78
C ASP A 97 -2.50 -21.30 0.51
N ASP A 98 -2.40 -21.94 -0.66
CA ASP A 98 -2.52 -21.18 -1.90
C ASP A 98 -3.93 -20.67 -2.11
N ASP A 99 -4.94 -21.36 -1.57
CA ASP A 99 -6.30 -20.85 -1.69
C ASP A 99 -6.45 -19.53 -0.94
N SER A 100 -5.95 -19.45 0.28
CA SER A 100 -6.01 -18.19 0.99
C SER A 100 -5.12 -17.14 0.32
N PHE A 101 -3.96 -17.55 -0.20
CA PHE A 101 -3.08 -16.57 -0.84
C PHE A 101 -3.79 -15.89 -2.00
N GLU A 102 -4.39 -16.69 -2.88
CA GLU A 102 -5.17 -16.17 -4.01
C GLU A 102 -6.26 -15.21 -3.54
N SER A 103 -7.01 -15.59 -2.50
CA SER A 103 -8.10 -14.78 -1.99
C SER A 103 -7.58 -13.42 -1.53
N TYR A 104 -6.62 -13.43 -0.62
CA TYR A 104 -6.04 -12.18 -0.14
C TYR A 104 -5.44 -11.36 -1.27
N LEU A 105 -4.85 -12.02 -2.26
CA LEU A 105 -4.22 -11.29 -3.36
C LEU A 105 -5.27 -10.47 -4.13
N GLN A 106 -6.40 -11.10 -4.46
N GLN A 106 -6.40 -11.10 -4.46
CA GLN A 106 -7.46 -10.41 -5.18
CA GLN A 106 -7.48 -10.40 -5.15
C GLN A 106 -8.07 -9.29 -4.32
C GLN A 106 -8.03 -9.27 -4.30
N ALA A 107 -8.23 -9.55 -3.02
N ALA A 107 -8.18 -9.50 -3.00
CA ALA A 107 -8.78 -8.52 -2.15
CA ALA A 107 -8.71 -8.45 -2.12
C ALA A 107 -7.88 -7.29 -2.11
C ALA A 107 -7.79 -7.25 -2.08
N LEU A 108 -6.56 -7.52 -2.03
N LEU A 108 -6.48 -7.48 -2.08
CA LEU A 108 -5.63 -6.39 -1.94
CA LEU A 108 -5.54 -6.37 -2.01
C LEU A 108 -5.68 -5.57 -3.22
C LEU A 108 -5.53 -5.56 -3.29
N GLU A 109 -5.82 -6.24 -4.37
N GLU A 109 -5.75 -6.23 -4.43
CA GLU A 109 -5.96 -5.55 -5.65
CA GLU A 109 -5.88 -5.52 -5.70
C GLU A 109 -7.22 -4.70 -5.70
C GLU A 109 -7.02 -4.52 -5.66
N LYS A 110 -8.31 -5.17 -5.09
N LYS A 110 -8.19 -4.94 -5.14
CA LYS A 110 -9.55 -4.40 -5.11
CA LYS A 110 -9.36 -4.07 -5.20
C LYS A 110 -9.51 -3.23 -4.13
C LYS A 110 -9.25 -2.92 -4.22
N VAL A 111 -8.94 -3.45 -2.95
N VAL A 111 -8.70 -3.18 -3.03
CA VAL A 111 -8.79 -2.35 -2.00
CA VAL A 111 -8.47 -2.11 -2.07
C VAL A 111 -7.95 -1.24 -2.61
C VAL A 111 -7.56 -1.04 -2.67
N THR A 112 -6.89 -1.59 -3.33
N THR A 112 -6.54 -1.49 -3.41
CA THR A 112 -5.97 -0.61 -3.90
CA THR A 112 -5.67 -0.55 -4.10
C THR A 112 -6.63 0.17 -5.02
C THR A 112 -6.43 0.19 -5.19
N ALA A 113 -7.24 -0.53 -5.98
CA ALA A 113 -7.95 0.13 -7.06
C ALA A 113 -9.01 1.10 -6.53
N LYS A 114 -9.74 0.70 -5.48
N LYS A 114 -9.74 0.70 -5.47
CA LYS A 114 -10.76 1.57 -4.93
CA LYS A 114 -10.78 1.56 -4.93
C LYS A 114 -10.15 2.84 -4.36
C LYS A 114 -10.21 2.81 -4.28
N GLY A 115 -9.01 2.71 -3.69
N GLY A 115 -8.95 2.78 -3.86
CA GLY A 115 -8.42 3.87 -3.07
CA GLY A 115 -8.34 3.94 -3.27
C GLY A 115 -7.74 4.86 -3.96
C GLY A 115 -7.76 4.95 -4.25
N GLU A 116 -7.84 4.73 -5.29
N GLU A 116 -7.77 4.63 -5.54
CA GLU A 116 -7.03 5.55 -6.18
CA GLU A 116 -7.09 5.48 -6.51
C GLU A 116 -7.62 6.91 -6.47
C GLU A 116 -7.70 6.88 -6.54
N THR A 117 -8.95 7.04 -6.51
N THR A 117 -9.03 6.99 -6.46
CA THR A 117 -9.50 8.37 -6.68
CA THR A 117 -9.64 8.31 -6.53
C THR A 117 -9.08 9.26 -5.51
C THR A 117 -9.30 9.14 -5.30
N LEU A 118 -9.21 8.74 -4.27
N LEU A 118 -9.19 8.51 -4.13
CA LEU A 118 -8.79 9.47 -3.09
CA LEU A 118 -8.80 9.23 -2.92
C LEU A 118 -7.31 9.82 -3.14
C LEU A 118 -7.33 9.63 -2.95
N ALA A 119 -6.47 8.87 -3.56
N ALA A 119 -6.47 8.74 -3.46
CA ALA A 119 -5.05 9.16 -3.71
CA ALA A 119 -5.06 9.10 -3.58
C ALA A 119 -4.84 10.37 -4.60
C ALA A 119 -4.87 10.29 -4.51
N ASP A 120 -5.55 10.42 -5.73
N ASP A 120 -5.64 10.34 -5.59
CA ASP A 120 -5.39 11.58 -6.60
CA ASP A 120 -5.49 11.46 -6.53
C ASP A 120 -5.93 12.84 -5.94
C ASP A 120 -6.13 12.74 -6.01
N GLN A 121 -7.06 12.74 -5.22
N GLN A 121 -7.13 12.63 -5.14
CA GLN A 121 -7.63 13.90 -4.55
CA GLN A 121 -7.68 13.82 -4.49
C GLN A 121 -6.67 14.51 -3.54
C GLN A 121 -6.64 14.49 -3.59
N ILE A 122 -5.85 13.69 -2.88
CA ILE A 122 -4.94 14.21 -1.89
C ILE A 122 -3.87 15.04 -2.57
N ALA A 123 -3.32 14.56 -3.69
CA ALA A 123 -2.33 15.35 -4.41
C ALA A 123 -2.82 16.77 -4.68
N LYS A 124 -4.10 16.90 -5.04
N LYS A 124 -4.10 16.89 -5.05
CA LYS A 124 -4.64 18.21 -5.38
CA LYS A 124 -4.65 18.20 -5.39
C LYS A 124 -4.89 19.06 -4.16
C LYS A 124 -4.95 19.05 -4.17
N ALA A 125 -5.15 18.43 -3.00
CA ALA A 125 -5.51 19.16 -1.81
C ALA A 125 -4.32 19.71 -1.03
N LEU A 126 -3.14 19.13 -1.18
CA LEU A 126 -2.01 19.50 -0.33
C LEU A 126 -1.43 20.87 -0.66
C12 MSR B . -2.07 -0.79 1.56
C13 MSR B . -2.98 -0.24 0.66
C14 MSR B . -3.05 -0.73 -0.61
O17 MSR B . -3.94 -0.19 -1.49
C15 MSR B . -2.21 -1.76 -1.02
C16 MSR B . -1.30 -2.31 -0.12
C11 MSR B . -1.21 -1.82 1.18
N3 MSR B . -0.31 -2.33 2.14
C4 MSR B . 0.41 -3.49 2.16
C5 MSR B . 1.14 -3.53 3.31
NFE MSR B . 0.89 -2.39 4.07
C2 MSR B . -0.01 -1.65 3.35
H12 MSR B . -2.03 -0.37 2.57
H13 MSR B . -3.65 0.59 0.97
HO17 MSR B . -3.55 0.56 -1.94
H15 MSR B . -2.30 -2.12 -2.04
H16 MSR B . -0.66 -3.12 -0.47
H4 MSR B . 0.36 -4.23 1.34
H5 MSR B . 1.83 -4.30 3.67
H2 MSR B . -0.40 -0.73 3.63
C12 MSR C . 0.16 -0.46 -2.81
C13 MSR C . 0.94 0.32 -1.95
C14 MSR C . 1.83 -0.28 -1.08
O17 MSR C . 2.61 0.49 -0.23
C15 MSR C . 1.97 -1.66 -1.07
C16 MSR C . 1.18 -2.44 -1.92
C11 MSR C . 0.27 -1.85 -2.82
N3 MSR C . -0.52 -2.68 -3.69
C4 MSR C . -1.08 -2.40 -4.94
C5 MSR C . -1.77 -3.50 -5.39
NFE MSR C . -1.67 -4.54 -4.45
C2 MSR C . -0.92 -4.03 -3.40
H12 MSR C . -0.54 0.05 -3.48
H13 MSR C . 0.87 1.42 -1.94
HO17 MSR C . 2.15 0.64 0.59
H15 MSR C . 2.68 -2.12 -0.37
H16 MSR C . 1.31 -3.53 -1.88
H4 MSR C . -0.94 -1.42 -5.43
H5 MSR C . -2.31 -3.65 -6.31
H2 MSR C . -0.66 -4.54 -2.53
#